data_7HOZ
#
_entry.id   7HOZ
#
_cell.length_a   42.549
_cell.length_b   42.549
_cell.length_c   216.320
_cell.angle_alpha   90.00
_cell.angle_beta   90.00
_cell.angle_gamma   90.00
#
_symmetry.space_group_name_H-M   'P 43 2 2'
#
loop_
_entity.id
_entity.type
_entity.pdbx_description
1 polymer 'Serine protease subunit NS2B'
2 polymer 'Serine protease NS3'
3 non-polymer 'DIMETHYL SULFOXIDE'
4 non-polymer N-(1-methyl-1H-pyrazol-4-yl)quinoline-5-carboxamide
5 non-polymer 'SULFATE ION'
6 water water
#
loop_
_entity_poly.entity_id
_entity_poly.type
_entity_poly.pdbx_seq_one_letter_code
_entity_poly.pdbx_strand_id
1 'polypeptide(L)' SMGKSVDMYIERAGDITWEKDAEVTGNSPRLDVALDESGDFSLVEE A
2 'polypeptide(L)'
;MKEVKKGETTDGVYRVMTRRLLGSTQVGVGVMQEGVFHTMWHVTKGAALRSGEGRLDPYWGDVKQDLVSYCGPWKLDAAW
DGLSEVQLLAVPPGERAKNIQTLPGIFKTKDGDIGAVALDYPAGTSGSPILDKCGRVIGLYGNGVVIKNGSYVSAITQGK
REEETPVE
;
B
#
loop_
_chem_comp.id
_chem_comp.type
_chem_comp.name
_chem_comp.formula
A1BGI non-polymer N-(1-methyl-1H-pyrazol-4-yl)quinoline-5-carboxamide 'C14 H12 N4 O'
DMS non-polymer 'DIMETHYL SULFOXIDE' 'C2 H6 O S'
SO4 non-polymer 'SULFATE ION' 'O4 S -2'
#
# COMPACT_ATOMS: atom_id res chain seq x y z
N ASP A 7 17.86 5.57 -11.73
N ASP A 7 17.86 5.57 -11.73
N ASP A 7 18.39 7.95 -11.62
N ASP A 7 18.39 7.95 -11.62
CA ASP A 7 17.25 6.92 -11.54
CA ASP A 7 17.25 6.92 -11.54
CA ASP A 7 17.42 8.83 -10.91
CA ASP A 7 17.42 8.83 -10.91
C ASP A 7 15.73 6.80 -11.71
C ASP A 7 15.73 6.80 -11.71
C ASP A 7 16.00 8.32 -11.20
C ASP A 7 16.00 8.32 -11.20
N MET A 8 14.97 7.35 -10.76
N MET A 8 14.97 7.35 -10.76
N MET A 8 15.43 7.55 -10.27
N MET A 8 15.43 7.55 -10.27
CA MET A 8 13.50 7.15 -10.63
CA MET A 8 13.51 7.16 -10.63
CA MET A 8 14.06 6.98 -10.36
CA MET A 8 14.06 6.98 -10.36
C MET A 8 12.76 8.40 -11.12
C MET A 8 12.76 8.40 -11.12
C MET A 8 13.10 8.13 -10.68
C MET A 8 13.10 8.13 -10.68
N TYR A 9 11.51 8.22 -11.55
N TYR A 9 11.51 8.22 -11.55
N TYR A 9 12.11 7.89 -11.57
N TYR A 9 12.11 7.89 -11.57
CA TYR A 9 10.59 9.28 -12.02
CA TYR A 9 10.59 9.28 -12.02
CA TYR A 9 11.13 8.90 -12.03
CA TYR A 9 11.13 8.90 -12.03
C TYR A 9 9.13 8.88 -11.75
C TYR A 9 9.13 8.88 -11.75
C TYR A 9 9.71 8.37 -11.78
C TYR A 9 9.71 8.37 -11.78
N ILE A 10 8.22 9.86 -11.79
N ILE A 10 8.22 9.86 -11.79
N ILE A 10 8.75 9.30 -11.65
N ILE A 10 8.75 9.30 -11.65
CA ILE A 10 6.77 9.66 -11.51
CA ILE A 10 6.77 9.66 -11.51
CA ILE A 10 7.30 9.01 -11.43
CA ILE A 10 7.29 9.01 -11.44
C ILE A 10 5.94 9.98 -12.76
C ILE A 10 5.94 9.98 -12.76
C ILE A 10 6.50 9.33 -12.70
C ILE A 10 6.50 9.33 -12.70
N GLU A 11 4.80 9.32 -12.88
N GLU A 11 4.80 9.32 -12.88
N GLU A 11 5.35 8.66 -12.92
N GLU A 11 5.35 8.66 -12.92
CA GLU A 11 3.80 9.49 -13.97
CA GLU A 11 3.80 9.49 -13.97
CA GLU A 11 4.33 8.97 -13.96
CA GLU A 11 4.33 8.97 -13.96
C GLU A 11 2.40 9.31 -13.37
C GLU A 11 2.40 9.31 -13.37
C GLU A 11 2.94 9.00 -13.31
C GLU A 11 2.93 9.00 -13.30
N ARG A 12 1.48 10.24 -13.65
N ARG A 12 1.49 10.23 -13.65
N ARG A 12 2.08 9.99 -13.65
N ARG A 12 2.08 9.99 -13.65
CA ARG A 12 0.09 10.16 -13.15
CA ARG A 12 0.09 10.15 -13.14
CA ARG A 12 0.72 10.12 -13.05
CA ARG A 12 0.72 10.12 -13.05
C ARG A 12 -0.56 8.91 -13.75
C ARG A 12 -0.56 8.91 -13.75
C ARG A 12 -0.17 8.96 -13.50
C ARG A 12 -0.17 8.96 -13.50
N ALA A 13 -0.82 7.87 -12.92
N ALA A 13 -0.82 7.87 -12.92
N ALA A 13 -1.27 8.67 -12.76
N ALA A 13 -1.26 8.66 -12.76
CA ALA A 13 -1.49 6.59 -13.30
CA ALA A 13 -1.49 6.59 -13.30
CA ALA A 13 -2.08 7.44 -12.94
CA ALA A 13 -2.08 7.44 -12.94
C ALA A 13 -3.01 6.71 -13.09
C ALA A 13 -3.01 6.71 -13.09
C ALA A 13 -3.58 7.65 -12.66
C ALA A 13 -3.58 7.65 -12.66
N GLY A 14 -3.45 7.82 -12.48
N GLY A 14 -3.45 7.82 -12.48
N GLY A 14 -4.03 8.73 -12.02
N GLY A 14 -4.03 8.73 -12.02
CA GLY A 14 -4.89 8.15 -12.36
CA GLY A 14 -4.89 8.15 -12.36
CA GLY A 14 -5.47 8.94 -11.81
CA GLY A 14 -5.47 8.94 -11.81
C GLY A 14 -5.20 9.02 -11.16
C GLY A 14 -5.20 9.02 -11.16
C GLY A 14 -5.83 9.92 -10.72
C GLY A 14 -5.83 9.92 -10.72
N ASP A 15 -6.48 9.37 -11.01
N ASP A 15 -6.48 9.37 -11.01
N ASP A 15 -7.13 10.25 -10.64
N ASP A 15 -7.13 10.24 -10.64
CA ASP A 15 -7.04 10.10 -9.84
CA ASP A 15 -7.04 10.10 -9.84
CA ASP A 15 -7.78 10.99 -9.53
CA ASP A 15 -7.78 10.98 -9.52
C ASP A 15 -7.24 9.14 -8.67
C ASP A 15 -7.24 9.13 -8.68
C ASP A 15 -8.02 10.02 -8.36
C ASP A 15 -8.03 10.02 -8.37
N ILE A 16 -7.49 9.68 -7.48
N ILE A 16 -7.50 9.68 -7.48
N ILE A 16 -7.96 10.53 -7.14
N ILE A 16 -7.96 10.52 -7.14
CA ILE A 16 -7.91 8.94 -6.25
CA ILE A 16 -7.93 8.93 -6.26
CA ILE A 16 -8.16 9.75 -5.89
CA ILE A 16 -8.16 9.74 -5.89
C ILE A 16 -9.34 9.35 -5.90
C ILE A 16 -9.35 9.39 -5.89
C ILE A 16 -9.67 9.74 -5.62
C ILE A 16 -9.67 9.70 -5.61
N THR A 17 -10.27 8.40 -6.12
N THR A 17 -10.36 8.55 -6.11
N THR A 17 -10.34 8.66 -6.03
N THR A 17 -10.35 8.64 -6.03
CA THR A 17 -11.75 8.56 -6.02
CA THR A 17 -11.81 8.75 -5.88
CA THR A 17 -11.83 8.56 -6.06
CA THR A 17 -11.82 8.69 -5.87
C THR A 17 -12.39 7.29 -5.44
C THR A 17 -12.45 7.38 -5.59
C THR A 17 -12.27 7.18 -5.56
C THR A 17 -12.36 7.29 -5.54
N TRP A 18 -13.48 7.45 -4.68
N TRP A 18 -13.48 7.44 -4.71
N TRP A 18 -13.30 7.15 -4.71
N TRP A 18 -13.30 7.16 -4.63
CA TRP A 18 -14.40 6.38 -4.23
CA TRP A 18 -14.40 6.37 -4.24
CA TRP A 18 -14.10 5.93 -4.53
CA TRP A 18 -14.11 5.93 -4.51
C TRP A 18 -15.32 5.96 -5.39
C TRP A 18 -15.32 5.96 -5.39
C TRP A 18 -14.90 5.71 -5.82
C TRP A 18 -14.89 5.72 -5.81
N GLU A 19 -15.08 4.78 -5.99
N GLU A 19 -15.09 4.77 -6.00
N GLU A 19 -14.95 4.47 -6.31
N GLU A 19 -14.95 4.48 -6.30
CA GLU A 19 -15.75 4.28 -7.23
CA GLU A 19 -15.75 4.28 -7.24
CA GLU A 19 -15.81 4.05 -7.45
CA GLU A 19 -15.81 4.07 -7.44
C GLU A 19 -16.76 3.17 -6.91
C GLU A 19 -16.76 3.17 -6.91
C GLU A 19 -17.15 3.54 -6.89
C GLU A 19 -17.14 3.55 -6.88
N LYS A 20 -18.06 3.49 -6.94
N LYS A 20 -18.06 3.49 -6.94
N LYS A 20 -18.28 4.04 -7.39
N LYS A 20 -18.28 4.04 -7.39
CA LYS A 20 -19.19 2.59 -6.53
CA LYS A 20 -19.19 2.59 -6.53
CA LYS A 20 -19.60 3.39 -7.24
CA LYS A 20 -19.60 3.39 -7.24
C LYS A 20 -19.19 1.30 -7.38
C LYS A 20 -19.20 1.30 -7.37
C LYS A 20 -19.63 2.24 -8.25
C LYS A 20 -19.63 2.24 -8.25
N ASP A 21 -19.62 0.20 -6.75
N ASP A 21 -19.62 0.20 -6.75
N ASP A 21 -19.94 1.03 -7.79
N ASP A 21 -19.94 1.03 -7.79
CA ASP A 21 -19.66 -1.18 -7.34
CA ASP A 21 -19.66 -1.18 -7.34
CA ASP A 21 -20.00 -0.19 -8.63
CA ASP A 21 -20.00 -0.19 -8.63
C ASP A 21 -18.31 -1.51 -7.99
C ASP A 21 -18.31 -1.51 -7.99
C ASP A 21 -18.56 -0.61 -8.98
C ASP A 21 -18.56 -0.61 -8.98
N ALA A 22 -17.22 -1.47 -7.22
N ALA A 22 -17.22 -1.47 -7.22
N ALA A 22 -17.72 -0.79 -7.97
N ALA A 22 -17.72 -0.79 -7.97
CA ALA A 22 -15.90 -2.00 -7.61
CA ALA A 22 -15.90 -2.00 -7.61
CA ALA A 22 -16.37 -1.40 -8.05
CA ALA A 22 -16.37 -1.40 -8.05
C ALA A 22 -15.92 -3.53 -7.43
C ALA A 22 -15.92 -3.53 -7.43
C ALA A 22 -16.41 -2.82 -7.47
C ALA A 22 -16.42 -2.82 -7.48
N GLU A 23 -14.92 -4.22 -8.00
N GLU A 23 -14.92 -4.22 -8.00
N GLU A 23 -15.50 -3.69 -7.94
N GLU A 23 -15.50 -3.69 -7.94
CA GLU A 23 -14.73 -5.69 -7.84
CA GLU A 23 -14.73 -5.69 -7.84
CA GLU A 23 -15.34 -5.10 -7.51
CA GLU A 23 -15.34 -5.10 -7.51
C GLU A 23 -14.40 -6.01 -6.38
C GLU A 23 -14.40 -6.01 -6.38
C GLU A 23 -15.14 -5.15 -5.98
C GLU A 23 -15.14 -5.15 -5.98
N VAL A 24 -15.21 -6.86 -5.72
N VAL A 24 -15.21 -6.86 -5.72
N VAL A 24 -15.97 -5.93 -5.28
N VAL A 24 -15.97 -5.93 -5.28
CA VAL A 24 -15.14 -7.09 -4.26
CA VAL A 24 -15.14 -7.09 -4.26
CA VAL A 24 -15.93 -6.12 -3.80
CA VAL A 24 -15.93 -6.12 -3.80
C VAL A 24 -14.54 -8.48 -3.99
C VAL A 24 -14.54 -8.48 -3.99
C VAL A 24 -15.43 -7.54 -3.49
C VAL A 24 -15.43 -7.54 -3.49
N THR A 25 -13.49 -8.54 -3.17
N THR A 25 -13.49 -8.54 -3.17
N THR A 25 -14.12 -7.72 -3.29
N THR A 25 -14.12 -7.72 -3.29
CA THR A 25 -12.63 -9.73 -2.98
CA THR A 25 -12.63 -9.73 -2.98
CA THR A 25 -13.47 -8.99 -2.88
CA THR A 25 -13.47 -8.99 -2.88
C THR A 25 -11.78 -9.58 -1.70
C THR A 25 -11.79 -9.59 -1.71
C THR A 25 -12.70 -8.75 -1.58
C THR A 25 -12.70 -8.75 -1.58
N GLY A 26 -11.06 -10.65 -1.34
N GLY A 26 -11.06 -10.65 -1.34
N GLY A 26 -11.85 -9.70 -1.17
N GLY A 26 -11.85 -9.70 -1.17
CA GLY A 26 -10.22 -10.72 -0.12
CA GLY A 26 -10.22 -10.72 -0.12
CA GLY A 26 -11.01 -9.59 0.03
CA GLY A 26 -11.01 -9.59 0.03
C GLY A 26 -11.05 -11.08 1.10
C GLY A 26 -11.05 -11.08 1.10
C GLY A 26 -11.77 -9.89 1.31
C GLY A 26 -11.77 -9.89 1.31
N ASN A 27 -10.43 -11.75 2.08
N ASN A 27 -10.43 -11.75 2.08
N ASN A 27 -11.09 -10.59 2.22
N ASN A 27 -11.09 -10.59 2.22
CA ASN A 27 -11.01 -12.02 3.42
CA ASN A 27 -11.01 -12.02 3.42
CA ASN A 27 -11.62 -11.05 3.53
CA ASN A 27 -11.61 -11.05 3.53
C ASN A 27 -10.50 -10.95 4.41
C ASN A 27 -10.50 -10.95 4.41
C ASN A 27 -11.17 -10.07 4.63
C ASN A 27 -11.17 -10.07 4.63
N SER A 28 -10.84 -11.08 5.70
N SER A 28 -10.84 -11.08 5.70
N SER A 28 -11.32 -10.45 5.91
N SER A 28 -11.32 -10.45 5.91
CA SER A 28 -10.61 -10.05 6.77
CA SER A 28 -10.61 -10.05 6.77
CA SER A 28 -10.99 -9.64 7.11
CA SER A 28 -10.99 -9.64 7.11
C SER A 28 -9.87 -10.67 7.95
C SER A 28 -9.87 -10.67 7.95
C SER A 28 -10.41 -10.54 8.20
C SER A 28 -10.41 -10.54 8.20
N PRO A 29 -8.67 -11.25 7.75
N PRO A 29 -8.67 -11.25 7.75
N PRO A 29 -9.12 -10.95 8.10
N PRO A 29 -9.12 -10.95 8.10
CA PRO A 29 -8.01 -12.03 8.81
CA PRO A 29 -8.01 -12.03 8.81
CA PRO A 29 -8.51 -11.83 9.10
CA PRO A 29 -8.51 -11.83 9.10
C PRO A 29 -7.49 -11.20 9.99
C PRO A 29 -7.49 -11.20 9.99
C PRO A 29 -8.05 -11.09 10.37
C PRO A 29 -8.05 -11.09 10.37
N ARG A 30 -7.66 -11.73 11.21
N ARG A 30 -7.66 -11.73 11.21
N ARG A 30 -7.96 -11.81 11.49
N ARG A 30 -7.96 -11.81 11.49
CA ARG A 30 -7.12 -11.17 12.48
CA ARG A 30 -7.12 -11.17 12.48
CA ARG A 30 -7.41 -11.33 12.80
CA ARG A 30 -7.41 -11.33 12.80
C ARG A 30 -5.81 -11.88 12.80
C ARG A 30 -5.81 -11.88 12.80
C ARG A 30 -6.07 -12.03 13.05
C ARG A 30 -6.07 -12.03 13.05
N LEU A 31 -4.69 -11.15 12.78
N LEU A 31 -4.69 -11.15 12.78
N LEU A 31 -4.97 -11.42 12.59
N LEU A 31 -4.97 -11.42 12.59
CA LEU A 31 -3.32 -11.75 12.80
CA LEU A 31 -3.32 -11.75 12.80
CA LEU A 31 -3.59 -11.98 12.67
CA LEU A 31 -3.59 -11.98 12.67
C LEU A 31 -2.46 -11.05 13.87
C LEU A 31 -2.46 -11.05 13.87
C LEU A 31 -2.85 -11.34 13.85
C LEU A 31 -2.85 -11.34 13.85
N ASP A 32 -1.92 -11.84 14.80
N ASP A 32 -1.92 -11.84 14.80
N ASP A 32 -2.06 -12.16 14.56
N ASP A 32 -2.06 -12.16 14.56
CA ASP A 32 -0.90 -11.41 15.80
CA ASP A 32 -0.90 -11.41 15.80
CA ASP A 32 -1.18 -11.72 15.69
CA ASP A 32 -1.18 -11.72 15.69
C ASP A 32 0.44 -11.25 15.08
C ASP A 32 0.44 -11.25 15.08
C ASP A 32 0.20 -11.40 15.11
C ASP A 32 0.20 -11.40 15.11
N VAL A 33 0.96 -10.02 15.03
N VAL A 33 0.96 -10.02 15.03
N VAL A 33 0.59 -10.12 15.13
N VAL A 33 0.59 -10.12 15.13
CA VAL A 33 2.21 -9.71 14.29
CA VAL A 33 2.21 -9.71 14.29
CA VAL A 33 1.73 -9.59 14.32
CA VAL A 33 1.73 -9.59 14.32
C VAL A 33 3.17 -8.92 15.20
C VAL A 33 3.17 -8.92 15.20
C VAL A 33 2.75 -8.90 15.24
C VAL A 33 2.75 -8.90 15.24
N ALA A 34 4.46 -8.99 14.90
N ALA A 34 4.46 -8.99 14.90
N ALA A 34 4.04 -8.98 14.88
N ALA A 34 4.04 -8.98 14.88
CA ALA A 34 5.54 -8.18 15.52
CA ALA A 34 5.54 -8.18 15.52
CA ALA A 34 5.16 -8.20 15.46
CA ALA A 34 5.16 -8.20 15.45
C ALA A 34 6.14 -7.25 14.47
C ALA A 34 6.14 -7.25 14.47
C ALA A 34 5.80 -7.36 14.35
C ALA A 34 5.80 -7.36 14.35
N LEU A 35 6.32 -5.97 14.82
N LEU A 35 6.32 -5.97 14.82
N LEU A 35 6.74 -6.47 14.70
N LEU A 35 6.74 -6.47 14.70
CA LEU A 35 7.01 -4.94 13.98
CA LEU A 35 7.01 -4.94 13.98
CA LEU A 35 7.44 -5.56 13.76
CA LEU A 35 7.44 -5.56 13.76
C LEU A 35 8.40 -4.69 14.57
C LEU A 35 8.40 -4.69 14.57
C LEU A 35 8.91 -5.40 14.20
C LEU A 35 8.91 -5.40 14.20
N ASP A 36 9.45 -5.04 13.79
N ASP A 36 9.45 -5.04 13.79
N ASP A 36 9.86 -5.67 13.32
N ASP A 36 9.86 -5.67 13.32
CA ASP A 36 10.88 -4.94 14.18
CA ASP A 36 10.88 -4.94 14.18
CA ASP A 36 11.31 -5.58 13.60
CA ASP A 36 11.31 -5.58 13.60
C ASP A 36 11.46 -3.59 13.72
C ASP A 36 11.46 -3.59 13.72
C ASP A 36 11.77 -4.13 13.38
C ASP A 36 11.77 -4.13 13.38
N GLU A 37 12.71 -3.30 14.08
N GLU A 37 12.71 -3.30 14.08
N GLU A 37 12.96 -3.79 13.90
N GLU A 37 12.96 -3.79 13.90
CA GLU A 37 13.40 -2.00 13.82
CA GLU A 37 13.40 -2.00 13.82
CA GLU A 37 13.53 -2.43 13.88
CA GLU A 37 13.53 -2.43 13.88
C GLU A 37 13.55 -1.78 12.30
C GLU A 37 13.55 -1.78 12.30
C GLU A 37 13.75 -1.99 12.41
C GLU A 37 13.75 -1.99 12.41
N SER A 38 13.64 -2.84 11.48
N SER A 38 13.64 -2.84 11.48
N SER A 38 13.86 -2.94 11.48
N SER A 38 13.86 -2.94 11.48
CA SER A 38 13.78 -2.76 10.00
CA SER A 38 13.78 -2.76 10.00
CA SER A 38 14.08 -2.71 10.03
CA SER A 38 14.08 -2.71 10.03
C SER A 38 12.42 -2.52 9.33
C SER A 38 12.42 -2.52 9.33
C SER A 38 12.75 -2.65 9.26
C SER A 38 12.75 -2.65 9.26
N GLY A 39 11.32 -2.40 10.09
N GLY A 39 11.33 -2.40 10.08
N GLY A 39 11.62 -2.46 9.96
N GLY A 39 11.62 -2.46 9.96
CA GLY A 39 9.98 -2.12 9.56
CA GLY A 39 9.98 -2.12 9.56
CA GLY A 39 10.28 -2.25 9.35
CA GLY A 39 10.28 -2.25 9.35
C GLY A 39 9.33 -3.34 8.88
C GLY A 39 9.33 -3.34 8.88
C GLY A 39 9.76 -3.47 8.60
C GLY A 39 9.76 -3.47 8.60
N ASP A 40 9.91 -4.53 9.07
N ASP A 40 9.91 -4.53 9.07
N ASP A 40 10.01 -4.68 9.11
N ASP A 40 10.01 -4.68 9.11
CA ASP A 40 9.39 -5.82 8.53
CA ASP A 40 9.39 -5.82 8.53
CA ASP A 40 9.48 -5.95 8.57
CA ASP A 40 9.48 -5.95 8.57
C ASP A 40 8.46 -6.46 9.56
C ASP A 40 8.46 -6.46 9.56
C ASP A 40 8.46 -6.52 9.57
C ASP A 40 8.46 -6.52 9.57
N PHE A 41 7.21 -6.72 9.17
CA PHE A 41 6.19 -7.38 10.01
C PHE A 41 6.44 -8.90 10.00
N SER A 42 6.06 -9.61 11.07
N SER A 42 6.06 -9.61 11.07
N SER A 42 5.99 -9.58 11.06
N SER A 42 5.99 -9.58 11.06
CA SER A 42 6.25 -11.08 11.19
CA SER A 42 6.25 -11.08 11.19
CA SER A 42 6.09 -11.06 11.25
CA SER A 42 6.09 -11.06 11.25
C SER A 42 5.11 -11.69 12.00
C SER A 42 5.11 -11.69 12.00
C SER A 42 4.88 -11.58 12.04
C SER A 42 4.88 -11.58 12.04
N LEU A 43 4.74 -12.93 11.70
N LEU A 43 4.74 -12.93 11.70
N LEU A 43 4.47 -12.82 11.80
N LEU A 43 4.47 -12.82 11.80
CA LEU A 43 3.66 -13.68 12.42
CA LEU A 43 3.65 -13.67 12.42
CA LEU A 43 3.33 -13.46 12.53
CA LEU A 43 3.33 -13.46 12.53
C LEU A 43 4.16 -14.08 13.80
C LEU A 43 4.16 -14.08 13.80
C LEU A 43 3.83 -13.99 13.88
C LEU A 43 3.83 -13.99 13.88
N VAL A 44 3.56 -13.52 14.86
N VAL A 44 3.56 -13.52 14.86
N VAL A 44 3.00 -13.89 14.91
N VAL A 44 3.00 -13.89 14.91
CA VAL A 44 3.77 -13.94 16.27
CA VAL A 44 3.77 -13.94 16.27
CA VAL A 44 3.27 -14.35 16.31
CA VAL A 44 3.27 -14.35 16.31
C VAL A 44 2.89 -15.18 16.52
C VAL A 44 2.89 -15.18 16.52
C VAL A 44 2.21 -15.40 16.68
C VAL A 44 2.21 -15.40 16.68
N GLU A 45 3.50 -16.37 16.56
N GLU A 45 3.50 -16.37 16.56
N GLU A 45 2.51 -16.68 16.49
N GLU A 45 2.51 -16.68 16.50
CA GLU A 45 2.78 -17.66 16.72
CA GLU A 45 2.78 -17.66 16.72
CA GLU A 45 1.60 -17.80 16.85
CA GLU A 45 1.60 -17.80 16.85
C GLU A 45 3.16 -18.27 18.07
C GLU A 45 3.16 -18.27 18.07
C GLU A 45 1.76 -18.14 18.33
C GLU A 45 1.76 -18.13 18.34
N GLY B 7 8.04 19.67 -12.31
CA GLY B 7 7.17 18.79 -13.15
C GLY B 7 5.71 18.80 -12.69
N GLU B 8 5.01 17.67 -12.83
N GLU B 8 5.01 17.67 -12.84
N GLU B 8 5.07 17.62 -12.75
N GLU B 8 5.07 17.63 -12.73
CA GLU B 8 3.56 17.56 -12.51
CA GLU B 8 3.56 17.55 -12.50
CA GLU B 8 3.63 17.40 -12.45
CA GLU B 8 3.63 17.40 -12.45
C GLU B 8 3.40 17.51 -10.98
C GLU B 8 3.41 17.52 -10.98
C GLU B 8 3.41 17.45 -10.92
C GLU B 8 3.39 17.45 -10.93
N THR B 9 2.59 18.41 -10.43
N THR B 9 2.58 18.43 -10.47
N THR B 9 2.60 18.40 -10.44
N THR B 9 2.59 18.42 -10.47
CA THR B 9 2.30 18.58 -8.99
CA THR B 9 2.28 18.68 -9.04
CA THR B 9 2.29 18.57 -8.99
CA THR B 9 2.28 18.69 -9.04
C THR B 9 0.80 18.37 -8.73
C THR B 9 0.83 18.28 -8.73
C THR B 9 0.79 18.37 -8.74
C THR B 9 0.83 18.28 -8.73
N THR B 10 0.03 17.97 -9.77
CA THR B 10 -1.42 17.71 -9.64
C THR B 10 -1.66 16.59 -8.61
N ASP B 11 -2.62 16.76 -7.72
CA ASP B 11 -3.05 15.66 -6.80
C ASP B 11 -3.37 14.41 -7.61
N GLY B 12 -3.21 13.24 -6.98
CA GLY B 12 -3.58 11.94 -7.56
C GLY B 12 -2.53 10.92 -7.30
N VAL B 13 -2.67 9.78 -7.96
CA VAL B 13 -1.82 8.59 -7.77
C VAL B 13 -0.85 8.53 -8.93
N TYR B 14 0.39 8.12 -8.64
N TYR B 14 0.39 8.12 -8.64
N TYR B 14 0.40 8.14 -8.62
N TYR B 14 0.40 8.14 -8.62
CA TYR B 14 1.52 8.15 -9.61
CA TYR B 14 1.52 8.15 -9.61
CA TYR B 14 1.51 8.08 -9.59
CA TYR B 14 1.51 8.08 -9.59
C TYR B 14 2.29 6.84 -9.49
C TYR B 14 2.29 6.84 -9.49
C TYR B 14 2.14 6.71 -9.53
C TYR B 14 2.14 6.71 -9.53
N ARG B 15 2.74 6.31 -10.64
N ARG B 15 2.74 6.31 -10.64
N ARG B 15 2.84 6.35 -10.61
N ARG B 15 2.84 6.35 -10.61
CA ARG B 15 3.70 5.18 -10.71
CA ARG B 15 3.70 5.18 -10.71
CA ARG B 15 3.71 5.16 -10.70
CA ARG B 15 3.71 5.16 -10.70
C ARG B 15 5.06 5.71 -10.25
C ARG B 15 5.06 5.71 -10.25
C ARG B 15 5.15 5.62 -10.47
C ARG B 15 5.15 5.62 -10.47
N VAL B 16 5.91 4.83 -9.72
CA VAL B 16 7.33 5.14 -9.41
C VAL B 16 8.13 4.13 -10.25
N MET B 17 8.89 4.63 -11.23
CA MET B 17 9.57 3.87 -12.30
C MET B 17 11.09 4.06 -12.18
N THR B 18 11.84 3.11 -12.73
CA THR B 18 13.31 3.17 -12.90
C THR B 18 13.72 2.57 -14.26
N ARG B 19 14.81 3.10 -14.84
N ARG B 19 14.81 3.10 -14.84
N ARG B 19 14.88 3.02 -14.78
N ARG B 19 14.88 3.02 -14.78
CA ARG B 19 15.41 2.64 -16.12
CA ARG B 19 15.41 2.64 -16.12
CA ARG B 19 15.54 2.45 -15.98
CA ARG B 19 15.54 2.45 -15.98
C ARG B 19 16.79 2.02 -15.87
C ARG B 19 16.79 2.02 -15.87
C ARG B 19 16.88 1.82 -15.60
C ARG B 19 16.88 1.82 -15.60
N ARG B 20 17.12 1.75 -14.59
N ARG B 20 17.12 1.75 -14.59
N ARG B 20 17.14 1.63 -14.29
N ARG B 20 17.14 1.63 -14.29
CA ARG B 20 18.44 1.20 -14.17
CA ARG B 20 18.44 1.20 -14.17
CA ARG B 20 18.40 1.05 -13.76
CA ARG B 20 18.40 1.05 -13.76
C ARG B 20 18.52 -0.27 -14.63
C ARG B 20 18.52 -0.27 -14.63
C ARG B 20 18.34 -0.48 -13.84
C ARG B 20 18.34 -0.48 -13.84
N LEU B 21 17.42 -1.01 -14.50
N LEU B 21 17.42 -1.01 -14.50
N LEU B 21 17.29 -1.02 -14.48
N LEU B 21 17.29 -1.02 -14.48
CA LEU B 21 17.27 -2.44 -14.92
CA LEU B 21 17.27 -2.44 -14.92
CA LEU B 21 17.18 -2.45 -14.88
CA LEU B 21 17.18 -2.45 -14.88
C LEU B 21 16.72 -2.50 -16.35
C LEU B 21 16.72 -2.50 -16.35
C LEU B 21 16.76 -2.50 -16.35
C LEU B 21 16.76 -2.50 -16.35
N LEU B 22 16.39 -3.70 -16.84
CA LEU B 22 15.91 -3.91 -18.23
C LEU B 22 14.69 -3.04 -18.50
N GLY B 23 14.60 -2.39 -19.66
CA GLY B 23 13.44 -1.52 -19.98
C GLY B 23 13.16 -0.52 -18.85
N SER B 24 11.93 -0.04 -18.77
CA SER B 24 11.37 0.79 -17.68
C SER B 24 10.59 -0.10 -16.71
N THR B 25 10.97 -0.17 -15.42
CA THR B 25 10.40 -1.09 -14.41
C THR B 25 9.67 -0.29 -13.33
N GLN B 26 8.42 -0.65 -12.99
CA GLN B 26 7.66 0.05 -11.92
C GLN B 26 8.07 -0.55 -10.56
N VAL B 27 8.78 0.21 -9.75
CA VAL B 27 9.25 -0.29 -8.41
C VAL B 27 8.15 -0.03 -7.38
N GLY B 28 7.22 0.88 -7.64
CA GLY B 28 6.12 1.17 -6.70
C GLY B 28 5.20 2.25 -7.19
N VAL B 29 4.46 2.84 -6.24
CA VAL B 29 3.34 3.80 -6.44
C VAL B 29 3.42 4.86 -5.35
N GLY B 30 2.74 6.00 -5.55
CA GLY B 30 2.65 7.05 -4.55
C GLY B 30 1.49 7.93 -4.76
N VAL B 31 1.27 8.83 -3.81
CA VAL B 31 0.16 9.81 -3.69
C VAL B 31 0.76 11.20 -3.61
N MET B 32 0.38 12.03 -4.58
CA MET B 32 0.61 13.48 -4.60
C MET B 32 -0.61 14.14 -3.96
N GLN B 33 -0.39 14.88 -2.89
CA GLN B 33 -1.45 15.68 -2.25
C GLN B 33 -0.79 16.89 -1.66
N GLU B 34 -1.42 18.06 -1.80
N GLU B 34 -1.42 18.06 -1.80
N GLU B 34 -1.48 18.04 -1.72
N GLU B 34 -1.48 18.04 -1.72
CA GLU B 34 -0.96 19.34 -1.24
CA GLU B 34 -0.96 19.34 -1.24
CA GLU B 34 -1.01 19.35 -1.20
CA GLU B 34 -1.01 19.35 -1.20
C GLU B 34 0.52 19.60 -1.62
C GLU B 34 0.52 19.60 -1.62
C GLU B 34 0.48 19.53 -1.51
C GLU B 34 0.48 19.53 -1.51
N GLY B 35 0.93 19.19 -2.82
N GLY B 35 0.93 19.19 -2.82
N GLY B 35 0.90 19.25 -2.75
N GLY B 35 0.90 19.26 -2.75
CA GLY B 35 2.28 19.43 -3.38
CA GLY B 35 2.28 19.43 -3.38
CA GLY B 35 2.26 19.50 -3.27
CA GLY B 35 2.26 19.50 -3.27
C GLY B 35 3.32 18.45 -2.86
C GLY B 35 3.32 18.45 -2.86
C GLY B 35 3.33 18.65 -2.60
C GLY B 35 3.33 18.65 -2.60
N VAL B 36 2.91 17.55 -1.96
CA VAL B 36 3.81 16.58 -1.29
C VAL B 36 3.56 15.24 -1.92
N PHE B 37 4.64 14.53 -2.28
CA PHE B 37 4.61 13.14 -2.76
C PHE B 37 4.87 12.19 -1.58
N HIS B 38 3.97 11.24 -1.45
CA HIS B 38 3.93 10.25 -0.31
C HIS B 38 4.11 8.85 -0.86
N THR B 39 5.14 8.12 -0.42
CA THR B 39 5.31 6.71 -0.81
C THR B 39 5.79 5.88 0.39
N MET B 40 6.10 4.59 0.13
CA MET B 40 6.68 3.68 1.13
C MET B 40 8.19 3.73 0.97
N TRP B 41 8.90 3.69 2.09
N TRP B 41 8.92 3.70 2.08
N TRP B 41 8.90 3.69 2.09
N TRP B 41 8.92 3.70 2.08
CA TRP B 41 10.38 3.82 2.15
CA TRP B 41 10.39 3.85 2.10
CA TRP B 41 10.38 3.82 2.15
CA TRP B 41 10.39 3.85 2.10
C TRP B 41 11.03 2.73 1.29
C TRP B 41 11.03 2.74 1.26
C TRP B 41 11.02 2.73 1.30
C TRP B 41 11.03 2.74 1.26
N HIS B 42 10.52 1.50 1.35
CA HIS B 42 11.14 0.35 0.62
C HIS B 42 11.11 0.49 -0.93
N VAL B 43 10.21 1.32 -1.46
N VAL B 43 10.21 1.32 -1.46
N VAL B 43 10.28 1.40 -1.45
N VAL B 43 10.28 1.40 -1.45
CA VAL B 43 10.15 1.64 -2.91
CA VAL B 43 10.15 1.64 -2.91
CA VAL B 43 10.08 1.66 -2.91
CA VAL B 43 10.08 1.66 -2.91
C VAL B 43 11.42 2.42 -3.27
C VAL B 43 11.42 2.42 -3.27
C VAL B 43 11.19 2.59 -3.45
C VAL B 43 11.19 2.59 -3.45
N THR B 44 11.59 3.62 -2.71
CA THR B 44 12.64 4.61 -3.16
C THR B 44 13.98 4.46 -2.42
N LYS B 45 13.97 3.85 -1.23
CA LYS B 45 15.09 3.81 -0.25
C LYS B 45 15.60 5.23 0.08
N GLY B 46 14.71 6.23 0.03
N GLY B 46 14.71 6.23 0.03
N GLY B 46 14.72 6.24 0.00
N GLY B 46 14.72 6.24 0.00
CA GLY B 46 15.03 7.63 0.35
CA GLY B 46 15.03 7.63 0.35
CA GLY B 46 15.04 7.63 0.36
CA GLY B 46 15.04 7.63 0.36
C GLY B 46 15.86 8.30 -0.74
C GLY B 46 15.86 8.30 -0.74
C GLY B 46 15.62 8.43 -0.80
C GLY B 46 15.62 8.43 -0.80
N ALA B 47 15.73 7.83 -1.98
CA ALA B 47 16.39 8.46 -3.17
C ALA B 47 15.51 9.58 -3.73
N ALA B 48 16.14 10.56 -4.36
CA ALA B 48 15.48 11.62 -5.12
C ALA B 48 14.74 11.03 -6.31
N LEU B 49 13.72 11.74 -6.74
CA LEU B 49 12.82 11.36 -7.86
C LEU B 49 12.80 12.47 -8.92
N ARG B 50 12.60 12.09 -10.18
CA ARG B 50 12.38 13.03 -11.30
C ARG B 50 10.88 13.10 -11.60
N SER B 51 10.35 14.31 -11.81
CA SER B 51 9.02 14.56 -12.42
C SER B 51 9.20 15.62 -13.52
N GLY B 52 8.97 15.26 -14.79
CA GLY B 52 9.37 16.12 -15.92
C GLY B 52 10.88 16.31 -15.91
N GLU B 53 11.34 17.55 -15.95
CA GLU B 53 12.77 17.89 -15.71
C GLU B 53 12.94 18.38 -14.26
N GLY B 54 11.85 18.47 -13.49
CA GLY B 54 11.84 18.86 -12.07
C GLY B 54 12.27 17.71 -11.18
N ARG B 55 12.89 18.01 -10.02
CA ARG B 55 13.45 17.02 -9.05
C ARG B 55 12.59 17.03 -7.78
N LEU B 56 12.33 15.87 -7.21
CA LEU B 56 11.64 15.77 -5.90
C LEU B 56 12.69 15.27 -4.92
N ASP B 57 12.97 16.06 -3.87
N ASP B 57 12.97 16.06 -3.87
N ASP B 57 12.97 16.06 -3.87
N ASP B 57 12.97 16.06 -3.87
CA ASP B 57 13.94 15.71 -2.80
CA ASP B 57 13.94 15.71 -2.80
CA ASP B 57 13.93 15.71 -2.81
CA ASP B 57 13.93 15.71 -2.81
C ASP B 57 13.18 15.16 -1.60
C ASP B 57 13.18 15.16 -1.60
C ASP B 57 13.19 15.17 -1.59
C ASP B 57 13.19 15.17 -1.59
N PRO B 58 13.71 14.11 -0.93
CA PRO B 58 13.09 13.58 0.30
C PRO B 58 13.02 14.66 1.39
N TYR B 59 11.94 14.74 2.15
CA TYR B 59 11.75 15.71 3.24
C TYR B 59 11.72 15.01 4.61
N TRP B 60 10.99 13.91 4.71
CA TRP B 60 10.75 13.13 5.95
C TRP B 60 10.79 11.65 5.58
N GLY B 61 11.37 10.83 6.43
CA GLY B 61 11.28 9.37 6.23
C GLY B 61 11.53 8.63 7.51
N ASP B 62 11.03 7.40 7.58
N ASP B 62 11.03 7.40 7.58
N ASP B 62 11.04 7.39 7.56
N ASP B 62 11.04 7.39 7.56
CA ASP B 62 11.27 6.48 8.73
CA ASP B 62 11.27 6.48 8.73
CA ASP B 62 11.20 6.46 8.72
CA ASP B 62 11.20 6.46 8.72
C ASP B 62 11.16 5.04 8.23
C ASP B 62 11.16 5.04 8.23
C ASP B 62 11.16 5.03 8.19
C ASP B 62 11.16 5.03 8.19
N VAL B 63 12.27 4.29 8.32
CA VAL B 63 12.37 2.90 7.85
C VAL B 63 11.42 2.02 8.68
N LYS B 64 11.10 2.36 9.93
CA LYS B 64 10.29 1.44 10.77
C LYS B 64 8.81 1.57 10.38
N GLN B 65 8.33 2.81 10.19
CA GLN B 65 7.00 3.10 9.61
C GLN B 65 6.92 2.67 8.14
N ASP B 66 8.06 2.52 7.48
N ASP B 66 8.06 2.52 7.48
N ASP B 66 8.08 2.53 7.49
N ASP B 66 8.08 2.53 7.49
CA ASP B 66 8.21 2.22 6.02
CA ASP B 66 8.20 2.23 6.02
CA ASP B 66 8.31 2.24 6.04
CA ASP B 66 8.31 2.24 6.04
C ASP B 66 7.49 3.31 5.22
C ASP B 66 7.49 3.31 5.22
C ASP B 66 7.59 3.30 5.19
C ASP B 66 7.59 3.30 5.19
N LEU B 67 7.67 4.58 5.60
CA LEU B 67 7.05 5.76 4.91
C LEU B 67 8.11 6.85 4.58
N VAL B 68 7.82 7.66 3.56
CA VAL B 68 8.70 8.78 3.07
C VAL B 68 7.86 9.81 2.35
N SER B 69 8.05 11.11 2.66
CA SER B 69 7.43 12.25 1.94
C SER B 69 8.53 13.03 1.18
N TYR B 70 8.13 13.57 0.04
CA TYR B 70 8.94 14.44 -0.88
C TYR B 70 8.31 15.84 -0.93
N CYS B 71 9.17 16.89 -0.81
CA CYS B 71 8.86 18.31 -1.05
C CYS B 71 8.21 18.95 0.17
N GLY B 72 7.83 18.18 1.19
CA GLY B 72 7.05 18.74 2.29
C GLY B 72 6.74 17.67 3.33
N PRO B 73 6.22 18.05 4.49
CA PRO B 73 5.88 17.07 5.53
C PRO B 73 4.72 16.14 5.12
N TRP B 74 4.60 14.97 5.75
CA TRP B 74 3.48 14.02 5.55
C TRP B 74 2.15 14.76 5.69
N LYS B 75 1.23 14.62 4.72
CA LYS B 75 -0.03 15.42 4.67
C LYS B 75 -1.29 14.57 4.96
N LEU B 76 -1.23 13.26 4.87
CA LEU B 76 -2.42 12.36 4.91
C LEU B 76 -2.71 11.93 6.37
N ASP B 77 -3.88 12.30 6.90
CA ASP B 77 -4.19 12.13 8.35
C ASP B 77 -5.46 11.26 8.55
N ALA B 78 -6.08 10.75 7.50
CA ALA B 78 -7.36 10.04 7.63
C ALA B 78 -7.03 8.64 8.14
N ALA B 79 -8.02 8.04 8.81
CA ALA B 79 -7.90 6.77 9.55
C ALA B 79 -9.08 5.85 9.20
N TRP B 80 -8.81 4.56 8.93
CA TRP B 80 -9.85 3.49 8.90
C TRP B 80 -10.67 3.58 10.17
N ASP B 81 -12.01 3.60 10.01
CA ASP B 81 -13.00 3.87 11.10
C ASP B 81 -13.09 2.63 12.00
N GLY B 82 -12.64 1.47 11.52
CA GLY B 82 -12.61 0.19 12.27
C GLY B 82 -13.77 -0.73 11.90
N LEU B 83 -14.70 -0.25 11.07
CA LEU B 83 -16.00 -0.89 10.74
C LEU B 83 -16.22 -1.02 9.22
N SER B 84 -16.04 0.09 8.50
CA SER B 84 -16.54 0.25 7.11
C SER B 84 -15.61 -0.44 6.12
N GLU B 85 -16.13 -0.76 4.94
N GLU B 85 -16.13 -0.76 4.94
N GLU B 85 -16.13 -0.81 4.94
N GLU B 85 -16.13 -0.81 4.94
CA GLU B 85 -15.34 -1.34 3.81
CA GLU B 85 -15.34 -1.34 3.81
CA GLU B 85 -15.29 -1.37 3.84
CA GLU B 85 -15.29 -1.37 3.84
C GLU B 85 -14.41 -0.23 3.29
C GLU B 85 -14.41 -0.23 3.29
C GLU B 85 -14.40 -0.24 3.31
C GLU B 85 -14.40 -0.24 3.31
N VAL B 86 -13.31 -0.61 2.63
CA VAL B 86 -12.37 0.36 2.02
C VAL B 86 -12.10 -0.08 0.59
N GLN B 87 -11.73 0.92 -0.21
N GLN B 87 -11.73 0.92 -0.21
N GLN B 87 -11.32 0.69 -0.20
N GLN B 87 -11.32 0.69 -0.20
CA GLN B 87 -11.30 0.76 -1.61
CA GLN B 87 -11.30 0.76 -1.61
CA GLN B 87 -10.84 0.28 -1.56
CA GLN B 87 -10.84 0.28 -1.56
C GLN B 87 -9.79 0.98 -1.63
C GLN B 87 -9.79 0.98 -1.63
C GLN B 87 -9.32 0.40 -1.68
C GLN B 87 -9.32 0.40 -1.68
N LEU B 88 -9.06 -0.07 -2.00
N LEU B 88 -9.06 -0.07 -2.00
N LEU B 88 -8.63 -0.63 -2.21
N LEU B 88 -8.63 -0.63 -2.21
CA LEU B 88 -7.67 -0.02 -2.47
CA LEU B 88 -7.67 -0.02 -2.47
CA LEU B 88 -7.23 -0.56 -2.70
CA LEU B 88 -7.23 -0.56 -2.70
C LEU B 88 -7.67 0.51 -3.91
C LEU B 88 -7.66 0.52 -3.91
C LEU B 88 -7.28 -0.01 -4.12
C LEU B 88 -7.28 -0.01 -4.12
N LEU B 89 -6.62 1.26 -4.28
N LEU B 89 -6.62 1.26 -4.28
N LEU B 89 -7.24 1.32 -4.28
N LEU B 89 -7.24 1.32 -4.28
CA LEU B 89 -6.33 1.71 -5.67
CA LEU B 89 -6.33 1.71 -5.67
CA LEU B 89 -7.00 1.98 -5.59
CA LEU B 89 -7.00 1.98 -5.59
C LEU B 89 -5.09 0.96 -6.16
C LEU B 89 -5.09 0.96 -6.16
C LEU B 89 -5.62 1.50 -6.02
C LEU B 89 -5.62 1.50 -6.02
N ALA B 90 -5.26 -0.29 -6.58
N ALA B 90 -5.26 -0.29 -6.58
N ALA B 90 -5.56 0.26 -6.53
N ALA B 90 -5.56 0.26 -6.53
CA ALA B 90 -4.18 -1.10 -7.17
CA ALA B 90 -4.18 -1.10 -7.17
CA ALA B 90 -4.30 -0.43 -6.91
CA ALA B 90 -4.30 -0.43 -6.91
C ALA B 90 -3.72 -0.40 -8.46
C ALA B 90 -3.72 -0.40 -8.46
C ALA B 90 -3.82 0.13 -8.25
C ALA B 90 -3.82 0.13 -8.25
N VAL B 91 -2.48 0.09 -8.46
CA VAL B 91 -1.81 0.53 -9.71
C VAL B 91 -0.75 -0.50 -10.02
N PRO B 92 -1.10 -1.63 -10.68
CA PRO B 92 -0.12 -2.68 -10.93
C PRO B 92 0.77 -2.34 -12.10
N PRO B 93 1.99 -2.91 -12.19
N PRO B 93 1.99 -2.91 -12.19
N PRO B 93 1.97 -2.97 -12.20
N PRO B 93 1.97 -2.97 -12.20
CA PRO B 93 2.85 -2.69 -13.34
CA PRO B 93 2.85 -2.69 -13.34
CA PRO B 93 2.95 -2.66 -13.25
CA PRO B 93 2.95 -2.66 -13.25
C PRO B 93 2.08 -2.92 -14.65
C PRO B 93 2.08 -2.92 -14.65
C PRO B 93 2.54 -3.11 -14.67
C PRO B 93 2.54 -3.11 -14.67
N GLY B 94 2.36 -2.09 -15.66
N GLY B 94 2.36 -2.09 -15.66
N GLY B 94 2.22 -2.14 -15.52
N GLY B 94 2.22 -2.14 -15.52
CA GLY B 94 1.84 -2.21 -17.04
CA GLY B 94 1.84 -2.21 -17.04
CA GLY B 94 1.81 -2.35 -16.93
CA GLY B 94 1.81 -2.35 -16.93
C GLY B 94 0.33 -2.34 -17.13
C GLY B 94 0.33 -2.34 -17.13
C GLY B 94 0.30 -2.27 -17.09
C GLY B 94 0.30 -2.27 -17.09
N GLU B 95 -0.42 -1.95 -16.09
N GLU B 95 -0.42 -1.95 -16.09
N GLU B 95 -0.44 -2.11 -16.00
N GLU B 95 -0.44 -2.11 -16.00
CA GLU B 95 -1.89 -2.19 -15.99
CA GLU B 95 -1.89 -2.19 -15.99
CA GLU B 95 -1.93 -2.20 -15.98
CA GLU B 95 -1.93 -2.20 -15.98
C GLU B 95 -2.55 -0.91 -15.45
C GLU B 95 -2.55 -0.91 -15.45
C GLU B 95 -2.52 -0.86 -15.52
C GLU B 95 -2.52 -0.86 -15.52
N ARG B 96 -3.79 -0.63 -15.85
CA ARG B 96 -4.48 0.63 -15.47
C ARG B 96 -4.80 0.60 -13.98
N ALA B 97 -4.91 1.77 -13.37
CA ALA B 97 -5.44 1.95 -11.99
C ALA B 97 -6.76 1.18 -11.92
N LYS B 98 -7.03 0.49 -10.82
CA LYS B 98 -8.23 -0.37 -10.61
C LYS B 98 -8.57 -0.37 -9.11
N ASN B 99 -9.78 0.09 -8.74
CA ASN B 99 -10.31 -0.01 -7.36
C ASN B 99 -10.69 -1.48 -7.05
N ILE B 100 -10.28 -1.96 -5.88
CA ILE B 100 -10.64 -3.30 -5.36
C ILE B 100 -11.20 -3.10 -3.96
N GLN B 101 -12.51 -3.30 -3.78
CA GLN B 101 -13.19 -2.99 -2.49
C GLN B 101 -13.06 -4.20 -1.56
N THR B 102 -12.78 -4.01 -0.28
N THR B 102 -12.78 -4.01 -0.28
N THR B 102 -12.96 -3.93 -0.25
N THR B 102 -12.96 -3.93 -0.25
CA THR B 102 -12.46 -5.15 0.63
CA THR B 102 -12.46 -5.15 0.63
CA THR B 102 -12.88 -4.93 0.86
CA THR B 102 -12.88 -4.93 0.86
C THR B 102 -12.62 -4.70 2.08
C THR B 102 -12.62 -4.70 2.08
C THR B 102 -13.24 -4.30 2.21
C THR B 102 -13.24 -4.30 2.21
N LEU B 103 -13.03 -5.64 2.95
N LEU B 103 -13.03 -5.63 2.95
N LEU B 103 -13.52 -5.12 3.24
N LEU B 103 -13.52 -5.12 3.24
CA LEU B 103 -13.06 -5.43 4.43
CA LEU B 103 -13.06 -5.43 4.43
CA LEU B 103 -13.61 -4.73 4.67
CA LEU B 103 -13.61 -4.73 4.67
C LEU B 103 -11.71 -5.86 4.97
C LEU B 103 -11.70 -5.86 4.98
C LEU B 103 -12.30 -5.14 5.34
C LEU B 103 -12.30 -5.14 5.34
N PRO B 104 -10.88 -4.92 5.49
N PRO B 104 -10.88 -4.92 5.49
N PRO B 104 -11.55 -4.22 6.00
N PRO B 104 -11.55 -4.22 6.00
CA PRO B 104 -9.55 -5.28 5.99
CA PRO B 104 -9.55 -5.28 5.99
CA PRO B 104 -10.27 -4.58 6.58
CA PRO B 104 -10.27 -4.58 6.58
C PRO B 104 -9.71 -6.18 7.22
C PRO B 104 -9.71 -6.18 7.22
C PRO B 104 -10.37 -5.54 7.78
C PRO B 104 -10.37 -5.54 7.78
N GLY B 105 -8.72 -7.04 7.42
N GLY B 105 -8.72 -7.04 7.42
N GLY B 105 -9.45 -6.52 7.84
N GLY B 105 -9.45 -6.52 7.84
CA GLY B 105 -8.51 -7.69 8.72
CA GLY B 105 -8.51 -7.69 8.72
CA GLY B 105 -9.08 -7.33 9.02
CA GLY B 105 -9.08 -7.33 9.02
C GLY B 105 -7.90 -6.72 9.72
C GLY B 105 -7.90 -6.72 9.72
C GLY B 105 -8.09 -6.59 9.92
C GLY B 105 -8.09 -6.59 9.92
N ILE B 106 -7.32 -7.30 10.76
CA ILE B 106 -6.59 -6.61 11.86
C ILE B 106 -5.18 -7.22 12.00
N PHE B 107 -4.20 -6.35 12.16
N PHE B 107 -4.20 -6.35 12.16
N PHE B 107 -4.19 -6.35 12.09
N PHE B 107 -4.19 -6.35 12.09
CA PHE B 107 -2.83 -6.66 12.64
CA PHE B 107 -2.83 -6.66 12.64
CA PHE B 107 -2.84 -6.64 12.66
CA PHE B 107 -2.84 -6.64 12.66
C PHE B 107 -2.78 -6.30 14.13
C PHE B 107 -2.78 -6.30 14.13
C PHE B 107 -2.91 -6.30 14.14
C PHE B 107 -2.91 -6.30 14.14
N LYS B 108 -2.76 -7.30 15.01
CA LYS B 108 -2.69 -7.12 16.50
C LYS B 108 -1.20 -7.10 16.88
N THR B 109 -0.75 -6.05 17.55
N THR B 109 -0.75 -6.05 17.55
N THR B 109 -0.74 -6.06 17.56
N THR B 109 -0.74 -6.06 17.56
CA THR B 109 0.66 -5.83 17.99
CA THR B 109 0.66 -5.83 17.99
CA THR B 109 0.68 -5.88 17.98
CA THR B 109 0.68 -5.88 17.98
C THR B 109 0.69 -5.52 19.49
C THR B 109 0.69 -5.52 19.49
C THR B 109 0.74 -5.33 19.42
C THR B 109 0.74 -5.33 19.42
N LYS B 110 1.89 -5.49 20.07
CA LYS B 110 2.11 -5.02 21.46
C LYS B 110 1.78 -3.52 21.60
N ASP B 111 1.91 -2.75 20.51
N ASP B 111 1.91 -2.75 20.51
N ASP B 111 1.94 -2.74 20.51
N ASP B 111 1.94 -2.74 20.51
CA ASP B 111 1.80 -1.26 20.51
CA ASP B 111 1.80 -1.26 20.51
CA ASP B 111 1.81 -1.26 20.50
CA ASP B 111 1.81 -1.26 20.50
C ASP B 111 0.42 -0.82 20.02
C ASP B 111 0.42 -0.82 20.02
C ASP B 111 0.38 -0.84 20.14
C ASP B 111 0.38 -0.84 20.14
N GLY B 112 -0.44 -1.76 19.62
CA GLY B 112 -1.81 -1.45 19.17
C GLY B 112 -2.21 -2.28 17.97
N ASP B 113 -3.49 -2.14 17.60
N ASP B 113 -3.49 -2.14 17.60
N ASP B 113 -3.47 -2.12 17.55
N ASP B 113 -3.47 -2.12 17.55
CA ASP B 113 -4.16 -2.80 16.44
CA ASP B 113 -4.16 -2.80 16.44
CA ASP B 113 -4.09 -2.87 16.43
CA ASP B 113 -4.09 -2.87 16.43
C ASP B 113 -3.97 -1.93 15.20
C ASP B 113 -3.97 -1.93 15.20
C ASP B 113 -4.10 -1.97 15.19
C ASP B 113 -4.10 -1.97 15.19
N ILE B 114 -3.84 -2.55 14.01
CA ILE B 114 -3.76 -1.81 12.72
C ILE B 114 -4.68 -2.53 11.73
N GLY B 115 -5.48 -1.80 10.92
CA GLY B 115 -6.17 -2.38 9.75
C GLY B 115 -5.20 -3.14 8.88
N ALA B 116 -5.68 -4.16 8.18
N ALA B 116 -5.69 -4.17 8.17
N ALA B 116 -5.73 -4.13 8.16
N ALA B 116 -5.72 -4.13 8.17
CA ALA B 116 -4.85 -4.98 7.25
CA ALA B 116 -4.85 -4.98 7.25
CA ALA B 116 -4.98 -4.97 7.19
CA ALA B 116 -4.99 -4.97 7.20
C ALA B 116 -5.73 -5.50 6.11
C ALA B 116 -5.72 -5.52 6.11
C ALA B 116 -5.87 -5.24 5.97
C ALA B 116 -5.86 -5.25 5.98
N VAL B 117 -5.57 -4.96 4.89
N VAL B 117 -5.45 -5.05 4.89
N VAL B 117 -5.26 -5.60 4.83
N VAL B 117 -5.22 -5.73 4.90
CA VAL B 117 -6.35 -5.36 3.69
CA VAL B 117 -6.21 -5.35 3.63
CA VAL B 117 -5.96 -6.07 3.61
CA VAL B 117 -5.81 -6.02 3.55
C VAL B 117 -5.75 -6.66 3.11
C VAL B 117 -5.70 -6.67 3.04
C VAL B 117 -5.21 -7.30 3.04
C VAL B 117 -5.15 -7.29 2.98
N ALA B 118 -6.58 -7.70 2.93
N ALA B 118 -6.56 -7.69 2.91
N ALA B 118 -5.94 -8.31 2.57
N ALA B 118 -5.94 -8.31 2.60
CA ALA B 118 -6.14 -9.05 2.49
CA ALA B 118 -6.15 -9.05 2.48
CA ALA B 118 -5.42 -9.64 2.14
CA ALA B 118 -5.42 -9.63 2.15
C ALA B 118 -6.21 -9.16 0.96
C ALA B 118 -6.21 -9.18 0.96
C ALA B 118 -5.41 -9.75 0.61
C ALA B 118 -5.41 -9.75 0.62
N LEU B 119 -5.14 -8.74 0.27
N LEU B 119 -5.15 -8.75 0.27
N LEU B 119 -5.34 -8.62 -0.10
N LEU B 119 -5.34 -8.62 -0.09
CA LEU B 119 -5.06 -8.71 -1.21
CA LEU B 119 -5.06 -8.71 -1.21
CA LEU B 119 -5.39 -8.54 -1.59
CA LEU B 119 -5.40 -8.55 -1.57
C LEU B 119 -3.63 -9.01 -1.66
C LEU B 119 -3.63 -9.01 -1.66
C LEU B 119 -3.97 -8.65 -2.13
C LEU B 119 -3.97 -8.65 -2.12
N ASP B 120 -3.49 -9.60 -2.84
N ASP B 120 -3.49 -9.60 -2.84
N ASP B 120 -3.57 -9.82 -2.66
N ASP B 120 -3.57 -9.81 -2.64
CA ASP B 120 -2.25 -10.23 -3.36
CA ASP B 120 -2.25 -10.24 -3.36
CA ASP B 120 -2.19 -10.03 -3.17
CA ASP B 120 -2.19 -10.03 -3.17
C ASP B 120 -1.93 -9.63 -4.73
C ASP B 120 -1.93 -9.63 -4.73
C ASP B 120 -2.06 -9.32 -4.53
C ASP B 120 -2.06 -9.32 -4.53
N TYR B 121 -0.85 -8.83 -4.84
CA TYR B 121 -0.56 -8.04 -6.07
C TYR B 121 0.95 -7.97 -6.19
N PRO B 122 1.57 -7.76 -7.37
N PRO B 122 1.57 -7.76 -7.37
N PRO B 122 1.47 -7.66 -7.40
N PRO B 122 1.47 -7.66 -7.40
CA PRO B 122 3.03 -7.91 -7.51
CA PRO B 122 3.03 -7.91 -7.51
CA PRO B 122 2.89 -7.42 -7.58
CA PRO B 122 2.89 -7.42 -7.58
C PRO B 122 3.83 -6.88 -6.67
C PRO B 122 3.83 -6.88 -6.67
C PRO B 122 3.31 -6.39 -6.52
C PRO B 122 3.31 -6.39 -6.52
N ALA B 123 5.12 -7.14 -6.46
N ALA B 123 5.12 -7.14 -6.46
N ALA B 123 4.52 -6.58 -5.98
N ALA B 123 4.52 -6.58 -5.99
CA ALA B 123 6.00 -6.36 -5.55
CA ALA B 123 6.00 -6.36 -5.55
CA ALA B 123 5.21 -5.65 -5.07
CA ALA B 123 5.21 -5.65 -5.07
C ALA B 123 6.07 -4.88 -5.96
C ALA B 123 6.07 -4.88 -5.96
C ALA B 123 5.24 -4.25 -5.70
C ALA B 123 5.25 -4.26 -5.71
N GLY B 124 6.09 -4.61 -7.27
N GLY B 124 6.09 -4.61 -7.27
N GLY B 124 5.26 -4.19 -7.05
N GLY B 124 5.26 -4.19 -7.05
CA GLY B 124 6.14 -3.23 -7.79
CA GLY B 124 6.14 -3.23 -7.79
CA GLY B 124 5.23 -2.93 -7.82
CA GLY B 124 5.23 -2.93 -7.82
C GLY B 124 4.85 -2.46 -7.55
C GLY B 124 4.85 -2.46 -7.55
C GLY B 124 3.98 -2.12 -7.55
C GLY B 124 3.98 -2.12 -7.55
N THR B 125 3.83 -3.06 -6.91
N THR B 125 3.83 -3.06 -6.91
N THR B 125 2.97 -2.70 -6.89
N THR B 125 2.97 -2.70 -6.89
CA THR B 125 2.52 -2.42 -6.61
CA THR B 125 2.52 -2.42 -6.61
CA THR B 125 1.74 -2.00 -6.44
CA THR B 125 1.74 -2.00 -6.44
C THR B 125 2.53 -1.63 -5.27
C THR B 125 2.53 -1.63 -5.27
C THR B 125 2.01 -1.30 -5.09
C THR B 125 2.01 -1.30 -5.09
N SER B 126 3.59 -1.74 -4.44
N SER B 126 3.59 -1.74 -4.44
N SER B 126 3.11 -1.64 -4.41
N SER B 126 3.11 -1.64 -4.41
CA SER B 126 3.73 -1.03 -3.13
CA SER B 126 3.73 -1.03 -3.13
CA SER B 126 3.57 -1.03 -3.14
CA SER B 126 3.57 -1.03 -3.14
C SER B 126 3.48 0.48 -3.26
C SER B 126 3.48 0.48 -3.26
C SER B 126 3.50 0.49 -3.24
C SER B 126 3.50 0.49 -3.24
N GLY B 127 2.73 1.10 -2.34
CA GLY B 127 2.47 2.55 -2.32
C GLY B 127 1.09 2.91 -2.79
N SER B 128 0.38 1.95 -3.38
CA SER B 128 -1.01 2.21 -3.80
C SER B 128 -1.82 2.66 -2.60
N PRO B 129 -2.65 3.72 -2.73
N PRO B 129 -2.65 3.72 -2.73
N PRO B 129 -2.67 3.70 -2.74
N PRO B 129 -2.67 3.70 -2.74
CA PRO B 129 -3.47 4.20 -1.63
CA PRO B 129 -3.47 4.20 -1.63
CA PRO B 129 -3.48 4.21 -1.65
CA PRO B 129 -3.48 4.21 -1.65
C PRO B 129 -4.66 3.28 -1.31
C PRO B 129 -4.66 3.28 -1.31
C PRO B 129 -4.79 3.46 -1.33
C PRO B 129 -4.79 3.46 -1.33
N ILE B 130 -5.06 3.31 -0.03
CA ILE B 130 -6.31 2.69 0.48
C ILE B 130 -7.19 3.87 0.81
N LEU B 131 -8.46 3.86 0.40
CA LEU B 131 -9.41 4.98 0.62
C LEU B 131 -10.63 4.58 1.45
N ASP B 132 -11.22 5.57 2.08
CA ASP B 132 -12.54 5.52 2.73
C ASP B 132 -13.61 6.07 1.77
N LYS B 133 -14.85 6.15 2.25
CA LYS B 133 -16.08 6.33 1.44
C LYS B 133 -16.08 7.73 0.84
N CYS B 134 -15.25 8.63 1.38
CA CYS B 134 -15.17 10.05 0.98
C CYS B 134 -13.97 10.34 0.07
N GLY B 135 -13.23 9.29 -0.31
N GLY B 135 -13.23 9.29 -0.31
N GLY B 135 -13.27 9.28 -0.36
N GLY B 135 -13.27 9.28 -0.36
CA GLY B 135 -12.04 9.37 -1.20
CA GLY B 135 -12.04 9.37 -1.20
CA GLY B 135 -12.05 9.37 -1.19
CA GLY B 135 -12.05 9.37 -1.19
C GLY B 135 -10.76 9.68 -0.45
C GLY B 135 -10.76 9.68 -0.45
C GLY B 135 -10.89 10.01 -0.42
C GLY B 135 -10.89 10.01 -0.42
N ARG B 136 -10.81 9.80 0.89
CA ARG B 136 -9.64 10.26 1.72
C ARG B 136 -8.66 9.10 1.84
N VAL B 137 -7.35 9.37 1.76
CA VAL B 137 -6.32 8.28 1.83
C VAL B 137 -6.14 8.00 3.34
N ILE B 138 -6.50 6.80 3.75
CA ILE B 138 -6.38 6.30 5.15
C ILE B 138 -5.07 5.51 5.32
N GLY B 139 -4.28 5.32 4.25
CA GLY B 139 -2.97 4.65 4.32
C GLY B 139 -2.49 4.13 3.00
N LEU B 140 -1.33 3.48 2.99
CA LEU B 140 -0.70 2.87 1.81
C LEU B 140 -0.55 1.36 1.97
N TYR B 141 -0.66 0.69 0.83
CA TYR B 141 -0.57 -0.78 0.65
C TYR B 141 0.86 -1.14 0.33
N GLY B 142 1.44 -2.18 0.94
N GLY B 142 1.44 -2.18 0.94
N GLY B 142 1.38 -2.22 0.92
N GLY B 142 1.38 -2.22 0.92
CA GLY B 142 2.76 -2.68 0.51
CA GLY B 142 2.76 -2.68 0.51
CA GLY B 142 2.63 -2.86 0.47
CA GLY B 142 2.63 -2.86 0.47
C GLY B 142 3.66 -3.24 1.60
C GLY B 142 3.66 -3.24 1.60
C GLY B 142 3.62 -3.19 1.58
C GLY B 142 3.62 -3.19 1.58
N ASN B 143 3.39 -2.97 2.88
N ASN B 143 3.39 -2.97 2.88
N ASN B 143 3.24 -3.03 2.85
N ASN B 143 3.24 -3.03 2.85
CA ASN B 143 4.15 -3.57 4.01
CA ASN B 143 4.15 -3.57 4.01
CA ASN B 143 4.03 -3.53 4.01
CA ASN B 143 4.03 -3.53 4.01
C ASN B 143 3.22 -4.41 4.88
C ASN B 143 3.22 -4.41 4.88
C ASN B 143 3.16 -4.43 4.90
C ASN B 143 3.16 -4.43 4.90
N GLY B 144 3.46 -5.72 4.93
CA GLY B 144 2.75 -6.68 5.80
C GLY B 144 3.43 -8.02 5.77
N VAL B 145 2.65 -9.09 5.59
CA VAL B 145 3.09 -10.45 5.98
C VAL B 145 2.52 -11.51 5.01
N VAL B 146 3.31 -12.56 4.72
N VAL B 146 3.31 -12.56 4.72
N VAL B 146 3.30 -12.56 4.73
N VAL B 146 3.30 -12.56 4.73
CA VAL B 146 2.90 -13.75 3.92
CA VAL B 146 2.90 -13.75 3.92
CA VAL B 146 2.86 -13.81 4.04
CA VAL B 146 2.86 -13.81 4.04
C VAL B 146 2.33 -14.81 4.88
C VAL B 146 2.33 -14.81 4.88
C VAL B 146 2.26 -14.75 5.09
C VAL B 146 2.26 -14.75 5.09
N ILE B 147 1.06 -15.20 4.70
N ILE B 147 1.06 -15.20 4.70
N ILE B 147 1.06 -15.28 4.86
N ILE B 147 1.06 -15.28 4.86
CA ILE B 147 0.23 -15.88 5.75
CA ILE B 147 0.23 -15.88 5.75
CA ILE B 147 0.30 -16.13 5.83
CA ILE B 147 0.30 -16.13 5.83
C ILE B 147 0.21 -17.40 5.54
C ILE B 147 0.21 -17.40 5.54
C ILE B 147 0.42 -17.60 5.43
C ILE B 147 0.42 -17.60 5.43
N LYS B 148 -0.34 -18.11 6.53
N LYS B 148 -0.34 -18.11 6.53
N LYS B 148 0.01 -18.52 6.33
N LYS B 148 0.01 -18.52 6.33
CA LYS B 148 -0.50 -19.59 6.61
CA LYS B 148 -0.50 -19.59 6.61
CA LYS B 148 0.04 -19.98 6.10
CA LYS B 148 0.04 -19.98 6.10
C LYS B 148 -0.84 -20.21 5.25
C LYS B 148 -0.84 -20.21 5.25
C LYS B 148 -0.32 -20.26 4.65
C LYS B 148 -0.32 -20.26 4.65
N ASN B 149 -1.50 -19.46 4.35
N ASN B 149 -1.50 -19.46 4.35
N ASN B 149 -1.48 -19.74 4.22
N ASN B 149 -1.48 -19.74 4.22
CA ASN B 149 -1.88 -19.91 2.98
CA ASN B 149 -1.88 -19.91 2.98
CA ASN B 149 -2.02 -19.82 2.84
CA ASN B 149 -2.02 -19.82 2.84
C ASN B 149 -0.67 -19.81 2.04
C ASN B 149 -0.67 -19.81 2.04
C ASN B 149 -0.87 -19.68 1.83
C ASN B 149 -0.87 -19.68 1.83
N GLY B 150 -0.06 -18.62 1.98
CA GLY B 150 1.00 -18.27 0.99
C GLY B 150 0.70 -16.93 0.33
N SER B 151 -0.54 -16.42 0.53
N SER B 151 -0.54 -16.43 0.53
N SER B 151 -0.53 -16.43 0.52
N SER B 151 -0.54 -16.43 0.53
CA SER B 151 -1.01 -15.09 0.06
CA SER B 151 -1.03 -15.11 0.10
CA SER B 151 -1.01 -15.09 0.06
CA SER B 151 -1.03 -15.10 0.09
C SER B 151 -0.48 -13.99 0.99
C SER B 151 -0.43 -14.00 0.98
C SER B 151 -0.46 -13.99 0.98
C SER B 151 -0.41 -14.00 0.98
N TYR B 152 -0.55 -12.75 0.49
N TYR B 152 -0.55 -12.76 0.50
N TYR B 152 -0.42 -12.75 0.50
N TYR B 152 -0.42 -12.75 0.50
CA TYR B 152 0.01 -11.53 1.13
CA TYR B 152 0.01 -11.54 1.12
CA TYR B 152 0.13 -11.56 1.22
CA TYR B 152 0.13 -11.56 1.22
C TYR B 152 -1.10 -10.80 1.88
C TYR B 152 -1.10 -10.80 1.88
C TYR B 152 -1.03 -10.79 1.86
C TYR B 152 -1.03 -10.79 1.86
N VAL B 153 -0.80 -10.29 3.07
CA VAL B 153 -1.73 -9.39 3.81
C VAL B 153 -0.93 -8.13 4.13
N SER B 154 -1.48 -6.95 3.86
CA SER B 154 -0.75 -5.68 3.96
C SER B 154 -1.38 -4.90 5.08
N ALA B 155 -0.56 -4.24 5.92
CA ALA B 155 -1.09 -3.22 6.82
C ALA B 155 -1.63 -2.09 5.97
N ILE B 156 -2.60 -1.38 6.54
CA ILE B 156 -2.97 -0.01 6.18
C ILE B 156 -1.97 0.92 6.90
N THR B 157 -0.78 1.13 6.30
CA THR B 157 0.29 2.02 6.83
C THR B 157 -0.07 3.49 6.60
N GLN B 158 -0.28 4.25 7.68
CA GLN B 158 -0.57 5.70 7.66
C GLN B 158 0.49 6.46 8.45
N GLY B 159 0.83 7.66 8.01
CA GLY B 159 1.80 8.51 8.73
C GLY B 159 1.05 9.47 9.62
N LYS B 160 1.80 10.26 10.39
N LYS B 160 1.80 10.26 10.39
N LYS B 160 1.80 10.31 10.33
N LYS B 160 1.80 10.31 10.33
CA LYS B 160 1.26 11.34 11.25
CA LYS B 160 1.26 11.34 11.25
CA LYS B 160 1.24 11.33 11.26
CA LYS B 160 1.24 11.33 11.26
C LYS B 160 1.45 12.67 10.52
C LYS B 160 1.45 12.67 10.52
C LYS B 160 1.48 12.72 10.65
C LYS B 160 1.48 12.72 10.65
N ARG B 161 0.42 13.52 10.55
CA ARG B 161 0.47 14.91 10.04
C ARG B 161 0.84 15.80 11.24
N GLU B 162 1.86 16.67 11.11
CA GLU B 162 2.23 17.68 12.15
C GLU B 162 1.57 19.02 11.80
S DMS C . 4.09 -7.43 -2.86
S DMS C . 4.08 -7.43 -2.87
O DMS C . 3.47 -8.80 -2.79
O DMS C . 3.46 -8.80 -2.78
C1 DMS C . 5.03 -7.22 -1.38
C1 DMS C . 5.03 -7.22 -1.38
C2 DMS C . 2.79 -6.28 -2.50
C2 DMS C . 2.79 -6.28 -2.50
S DMS D . 20.26 5.76 -0.58
S DMS D . 20.26 5.76 -0.58
O DMS D . 19.41 6.07 0.62
O DMS D . 19.41 6.07 0.62
C1 DMS D . 19.99 7.09 -1.73
C1 DMS D . 19.99 7.09 -1.73
C2 DMS D . 19.39 4.49 -1.47
C2 DMS D . 19.39 4.49 -1.47
S DMS E . 6.73 -7.85 2.08
S DMS E . 6.73 -7.86 2.09
O DMS E . 6.78 -8.38 3.49
O DMS E . 6.79 -8.37 3.49
C1 DMS E . 7.18 -6.15 2.15
C1 DMS E . 7.18 -6.15 2.15
C2 DMS E . 8.19 -8.47 1.28
C2 DMS E . 8.19 -8.47 1.28
N1 A1BGI F . 10.00 -4.68 1.81
N1 A1BGI F . 10.00 -4.68 1.81
N3 A1BGI F . 3.07 -9.30 -2.29
N3 A1BGI F . 3.07 -9.30 -2.29
C4 A1BGI F . 6.66 -6.29 -0.46
C4 A1BGI F . 6.66 -6.29 -0.46
C5 A1BGI F . 5.30 -6.58 -1.02
C5 A1BGI F . 5.30 -6.58 -1.02
C6 A1BGI F . 4.44 -5.52 -1.22
C6 A1BGI F . 4.44 -5.52 -1.22
C7 A1BGI F . 3.16 -5.71 -1.76
C7 A1BGI F . 3.16 -5.71 -1.76
C8 A1BGI F . 2.72 -6.95 -2.11
C8 A1BGI F . 2.72 -6.95 -2.11
C10 A1BGI F . 3.85 -10.35 -2.12
C10 A1BGI F . 3.85 -10.35 -2.12
C13 A1BGI F . 4.87 -7.90 -1.38
C13 A1BGI F . 4.87 -7.90 -1.38
C1 A1BGI F . 11.46 -4.60 1.87
C1 A1BGI F . 11.46 -4.60 1.87
C2 A1BGI F . 9.24 -5.14 0.80
C2 A1BGI F . 9.24 -5.14 0.80
C3 A1BGI F . 7.93 -5.03 1.22
C3 A1BGI F . 7.93 -5.03 1.22
N2 A1BGI F . 6.74 -5.35 0.54
N2 A1BGI F . 6.74 -5.35 0.54
O1 A1BGI F . 7.65 -6.88 -0.88
O1 A1BGI F . 7.65 -6.88 -0.88
C9 A1BGI F . 3.56 -8.07 -1.92
C9 A1BGI F . 3.56 -8.07 -1.92
C11 A1BGI F . 5.16 -10.29 -1.60
C11 A1BGI F . 5.16 -10.29 -1.60
C12 A1BGI F . 5.65 -9.07 -1.22
C12 A1BGI F . 5.65 -9.07 -1.22
C14 A1BGI F . 7.99 -4.50 2.49
C14 A1BGI F . 7.99 -4.50 2.49
N4 A1BGI F . 9.25 -4.30 2.86
N4 A1BGI F . 9.25 -4.30 2.86
S SO4 G . 19.86 7.10 -1.45
S SO4 G . 19.86 7.10 -1.45
O1 SO4 G . 19.73 5.66 -1.56
O1 SO4 G . 19.72 5.66 -1.55
O2 SO4 G . 21.23 7.43 -1.19
O2 SO4 G . 21.23 7.43 -1.19
O3 SO4 G . 19.46 7.69 -2.69
O3 SO4 G . 19.46 7.69 -2.70
O4 SO4 G . 19.03 7.59 -0.37
O4 SO4 G . 19.03 7.59 -0.37
S SO4 H . 0.41 -9.48 19.86
S SO4 H . 0.41 -9.48 19.86
O1 SO4 H . 1.40 -9.34 18.82
O1 SO4 H . 1.40 -9.34 18.82
O2 SO4 H . 0.91 -10.36 20.88
O2 SO4 H . 0.91 -10.36 20.88
O3 SO4 H . 0.13 -8.19 20.44
O3 SO4 H . 0.13 -8.19 20.44
O4 SO4 H . -0.80 -10.04 19.31
O4 SO4 H . -0.80 -10.04 19.31
#